data_3GYT
#
_entry.id   3GYT
#
_cell.length_a   118.947
_cell.length_b   118.947
_cell.length_c   40.225
_cell.angle_alpha   90.00
_cell.angle_beta   90.00
_cell.angle_gamma   120.00
#
_symmetry.space_group_name_H-M   'P 65'
#
loop_
_entity.id
_entity.type
_entity.pdbx_description
1 polymer 'Nuclear hormone receptor of the steroid/thyroid hormone receptors superfamily'
2 polymer SRC1
3 non-polymer '(14beta,17alpha,25R)-3-oxocholest-4-en-26-oic acid'
4 water water
#
loop_
_entity_poly.entity_id
_entity_poly.type
_entity_poly.pdbx_seq_one_letter_code
_entity_poly.pdbx_strand_id
1 'polypeptide(L)'
;GSYTLSEKDLKELDSIRDSFQCMNEPLDNDQQASTLAKKEHNPTDILNVMDITMRRLVKMAKRLGAFNEISEAGKFSLLK
GGMIEMLTIRGVTVFNADKGVWQTPVDGHSQISFNMFDKLRPDIKDTQKKGFLHFFNLLHSDVRKNDLAIDIIVLMVLFD
SKREGLVSQQDKETVEKLHRNYESLLHRYLYSIHKEEAEQRFASIPKALVALRKVAENAVTLFLGAGNTTEAASLPKEFF
ATNY
;
A
2 'polypeptide(L)' AQQKSLLQQLLTE B
#
loop_
_chem_comp.id
_chem_comp.type
_chem_comp.name
_chem_comp.formula
DL4 non-polymer '(14beta,17alpha,25R)-3-oxocholest-4-en-26-oic acid' 'C27 H42 O3'
#
# COMPACT_ATOMS: atom_id res chain seq x y z
N TYR A 3 -19.75 -21.42 -4.49
CA TYR A 3 -19.08 -21.97 -5.71
C TYR A 3 -18.29 -20.86 -6.46
N THR A 4 -18.52 -20.83 -7.75
CA THR A 4 -17.95 -19.85 -8.65
C THR A 4 -18.62 -18.49 -8.53
N LEU A 5 -17.89 -17.47 -8.95
CA LEU A 5 -18.35 -16.12 -8.85
C LEU A 5 -19.41 -15.79 -9.89
N SER A 6 -20.29 -14.90 -9.55
CA SER A 6 -21.29 -14.44 -10.51
C SER A 6 -20.72 -13.55 -11.59
N GLU A 7 -21.51 -13.31 -12.62
CA GLU A 7 -21.09 -12.46 -13.71
C GLU A 7 -20.80 -11.04 -13.18
N LYS A 8 -21.63 -10.61 -12.22
CA LYS A 8 -21.49 -9.30 -11.65
C LYS A 8 -20.15 -9.11 -10.88
N ASP A 9 -19.74 -10.08 -10.07
CA ASP A 9 -18.48 -9.96 -9.35
C ASP A 9 -17.33 -9.98 -10.30
N LEU A 10 -17.40 -10.82 -11.32
CA LEU A 10 -16.28 -10.90 -12.31
C LEU A 10 -16.06 -9.58 -13.01
N LYS A 11 -17.15 -8.87 -13.26
CA LYS A 11 -17.11 -7.54 -13.84
C LYS A 11 -16.43 -6.53 -12.93
N GLU A 12 -16.69 -6.63 -11.61
CA GLU A 12 -16.10 -5.83 -10.61
C GLU A 12 -14.64 -6.22 -10.42
N LEU A 13 -14.32 -7.51 -10.55
CA LEU A 13 -12.90 -7.91 -10.52
C LEU A 13 -12.13 -7.42 -11.80
N ASP A 14 -12.81 -7.34 -12.94
CA ASP A 14 -12.15 -6.73 -14.12
C ASP A 14 -11.84 -5.30 -13.82
N SER A 15 -12.77 -4.58 -13.23
CA SER A 15 -12.59 -3.16 -12.93
C SER A 15 -11.46 -2.94 -11.95
N ILE A 16 -11.38 -3.81 -10.95
CA ILE A 16 -10.29 -3.80 -9.95
C ILE A 16 -8.93 -4.10 -10.64
N ARG A 17 -8.91 -5.11 -11.48
CA ARG A 17 -7.69 -5.50 -12.18
C ARG A 17 -7.20 -4.33 -13.03
N ASP A 18 -8.08 -3.66 -13.76
CA ASP A 18 -7.68 -2.50 -14.55
C ASP A 18 -7.12 -1.33 -13.69
N SER A 19 -7.74 -1.05 -12.57
CA SER A 19 -7.27 0.03 -11.71
C SER A 19 -5.89 -0.24 -11.16
N PHE A 20 -5.59 -1.50 -10.81
CA PHE A 20 -4.23 -1.88 -10.35
C PHE A 20 -3.18 -2.24 -11.40
N GLN A 21 -3.58 -2.20 -12.68
CA GLN A 21 -2.69 -2.66 -13.76
C GLN A 21 -1.46 -1.75 -13.89
N CYS A 22 -1.57 -0.50 -13.40
CA CYS A 22 -0.43 0.41 -13.39
C CYS A 22 0.67 0.08 -12.32
N MET A 23 0.32 -0.64 -11.27
CA MET A 23 1.26 -0.93 -10.21
C MET A 23 2.45 -1.71 -10.73
N ASN A 24 2.23 -2.65 -11.65
CA ASN A 24 3.33 -3.49 -12.11
C ASN A 24 3.83 -3.16 -13.52
N GLU A 25 3.43 -2.02 -14.07
CA GLU A 25 3.84 -1.65 -15.39
C GLU A 25 5.34 -1.35 -15.31
N PRO A 26 6.04 -1.45 -16.45
CA PRO A 26 7.45 -1.07 -16.49
C PRO A 26 7.74 0.43 -16.21
N LEU A 27 8.86 0.70 -15.55
CA LEU A 27 9.30 2.05 -15.33
C LEU A 27 9.56 2.74 -16.64
N ASP A 28 9.27 4.02 -16.69
CA ASP A 28 9.50 4.69 -17.93
C ASP A 28 10.76 5.53 -17.87
N ASN A 29 11.08 6.01 -16.68
CA ASN A 29 12.22 6.87 -16.50
C ASN A 29 13.44 6.05 -16.21
N ASP A 30 14.61 6.59 -16.56
CA ASP A 30 15.87 5.86 -16.35
C ASP A 30 16.52 6.17 -15.00
N GLN A 31 16.17 7.32 -14.46
CA GLN A 31 16.63 7.66 -13.15
C GLN A 31 16.04 6.68 -12.12
N GLN A 32 14.72 6.48 -12.22
CA GLN A 32 14.00 5.54 -11.36
C GLN A 32 14.55 4.13 -11.58
N ALA A 33 14.83 3.76 -12.81
CA ALA A 33 15.32 2.41 -13.04
C ALA A 33 16.68 2.24 -12.44
N SER A 34 17.48 3.29 -12.55
CA SER A 34 18.83 3.31 -12.02
C SER A 34 18.85 3.25 -10.46
N THR A 35 17.93 3.99 -9.83
CA THR A 35 17.80 3.85 -8.36
C THR A 35 17.47 2.41 -7.94
N LEU A 36 16.46 1.81 -8.56
CA LEU A 36 16.12 0.40 -8.30
C LEU A 36 17.24 -0.56 -8.68
N ALA A 37 18.21 -0.16 -9.47
CA ALA A 37 19.25 -1.11 -9.88
C ALA A 37 20.41 -1.13 -8.92
N LYS A 38 20.63 -0.03 -8.21
CA LYS A 38 21.74 0.03 -7.22
C LYS A 38 21.80 -1.21 -6.33
N LYS A 39 23.01 -1.60 -5.99
CA LYS A 39 23.23 -2.75 -5.12
C LYS A 39 23.03 -2.34 -3.67
N GLU A 40 23.16 -1.05 -3.39
CA GLU A 40 22.89 -0.62 -2.04
C GLU A 40 22.05 0.62 -2.06
N HIS A 41 20.98 0.61 -1.25
CA HIS A 41 20.08 1.75 -1.13
C HIS A 41 20.20 2.48 0.23
N ASN A 42 20.60 3.75 0.19
CA ASN A 42 20.67 4.56 1.36
C ASN A 42 19.28 5.20 1.57
N PRO A 43 19.06 5.89 2.69
CA PRO A 43 17.76 6.50 3.01
C PRO A 43 17.15 7.32 1.84
N THR A 44 17.97 8.13 1.17
CA THR A 44 17.52 8.94 0.06
C THR A 44 17.02 8.03 -1.03
N ASP A 45 17.73 6.92 -1.28
CA ASP A 45 17.35 5.97 -2.33
C ASP A 45 16.06 5.30 -1.99
N ILE A 46 15.85 4.98 -0.72
CA ILE A 46 14.59 4.38 -0.35
C ILE A 46 13.44 5.34 -0.57
N LEU A 47 13.67 6.60 -0.35
CA LEU A 47 12.61 7.59 -0.53
C LEU A 47 12.28 7.75 -1.98
N ASN A 48 13.26 7.65 -2.88
CA ASN A 48 12.98 7.75 -4.29
C ASN A 48 12.23 6.55 -4.79
N VAL A 49 12.59 5.35 -4.32
CA VAL A 49 11.86 4.14 -4.62
C VAL A 49 10.38 4.25 -4.18
N MET A 50 10.12 4.78 -2.98
CA MET A 50 8.78 4.95 -2.55
C MET A 50 8.03 5.90 -3.40
N ASP A 51 8.72 6.87 -3.99
CA ASP A 51 8.06 7.81 -4.91
C ASP A 51 7.39 7.09 -6.06
N ILE A 52 8.03 6.06 -6.57
CA ILE A 52 7.49 5.26 -7.67
C ILE A 52 6.15 4.65 -7.25
N THR A 53 6.16 3.94 -6.12
CA THR A 53 4.97 3.25 -5.62
C THR A 53 3.87 4.19 -5.25
N MET A 54 4.19 5.28 -4.58
CA MET A 54 3.19 6.20 -4.14
C MET A 54 2.48 6.83 -5.33
N ARG A 55 3.22 7.19 -6.37
CA ARG A 55 2.61 7.89 -7.46
C ARG A 55 1.73 6.89 -8.20
N ARG A 56 2.14 5.65 -8.27
CA ARG A 56 1.35 4.63 -8.89
C ARG A 56 0.08 4.31 -8.05
N LEU A 57 0.21 4.42 -6.76
CA LEU A 57 -0.89 4.17 -5.86
C LEU A 57 -1.93 5.24 -6.07
N VAL A 58 -1.43 6.48 -6.33
CA VAL A 58 -2.31 7.59 -6.62
C VAL A 58 -3.04 7.44 -7.97
N LYS A 59 -2.34 6.99 -9.03
CA LYS A 59 -3.04 6.72 -10.31
C LYS A 59 -4.14 5.66 -10.11
N MET A 60 -3.85 4.62 -9.30
CA MET A 60 -4.79 3.58 -9.06
C MET A 60 -6.06 4.14 -8.50
N ALA A 61 -5.95 5.01 -7.53
CA ALA A 61 -7.10 5.46 -6.80
C ALA A 61 -7.91 6.36 -7.74
N LYS A 62 -7.23 7.15 -8.55
CA LYS A 62 -7.91 8.03 -9.48
C LYS A 62 -8.65 7.23 -10.56
N ARG A 63 -8.14 6.07 -10.93
CA ARG A 63 -8.81 5.32 -12.00
C ARG A 63 -9.79 4.36 -11.38
N LEU A 64 -10.32 4.76 -10.24
CA LEU A 64 -11.25 3.96 -9.49
C LEU A 64 -12.57 4.69 -9.37
N GLY A 65 -13.58 4.11 -10.01
CA GLY A 65 -14.92 4.66 -10.00
C GLY A 65 -15.42 5.02 -8.61
N ALA A 66 -15.32 4.07 -7.70
CA ALA A 66 -15.76 4.29 -6.35
C ALA A 66 -15.09 5.51 -5.64
N PHE A 67 -13.86 5.79 -5.98
CA PHE A 67 -13.11 6.83 -5.39
C PHE A 67 -13.62 8.16 -5.87
N ASN A 68 -14.22 8.21 -7.07
CA ASN A 68 -14.80 9.46 -7.62
C ASN A 68 -16.17 9.83 -7.05
N GLU A 69 -16.78 8.94 -6.26
CA GLU A 69 -17.97 9.27 -5.48
C GLU A 69 -17.60 10.09 -4.18
N ILE A 70 -16.31 10.28 -3.86
CA ILE A 70 -15.94 11.00 -2.64
C ILE A 70 -15.62 12.46 -3.00
N SER A 71 -15.92 13.37 -2.10
CA SER A 71 -15.55 14.77 -2.26
C SER A 71 -14.07 14.93 -2.41
N GLU A 72 -13.65 16.05 -2.99
CA GLU A 72 -12.23 16.30 -3.23
C GLU A 72 -11.46 16.31 -1.90
N ALA A 73 -11.99 16.95 -0.87
CA ALA A 73 -11.28 17.00 0.36
C ALA A 73 -11.24 15.59 0.99
N GLY A 74 -12.25 14.80 0.75
CA GLY A 74 -12.28 13.41 1.23
C GLY A 74 -11.30 12.50 0.50
N LYS A 75 -11.02 12.79 -0.75
CA LYS A 75 -10.04 12.05 -1.49
C LYS A 75 -8.65 12.29 -0.91
N PHE A 76 -8.34 13.55 -0.68
CA PHE A 76 -7.06 13.88 -0.09
C PHE A 76 -6.89 13.18 1.26
N SER A 77 -7.87 13.27 2.09
CA SER A 77 -7.86 12.68 3.37
C SER A 77 -7.63 11.19 3.37
N LEU A 78 -8.35 10.44 2.53
CA LEU A 78 -8.16 8.99 2.41
C LEU A 78 -6.76 8.61 1.91
N LEU A 79 -6.19 9.40 1.01
CA LEU A 79 -4.84 9.10 0.49
C LEU A 79 -3.77 9.52 1.48
N LYS A 80 -3.90 10.68 2.08
CA LYS A 80 -3.00 11.12 3.10
C LYS A 80 -2.93 10.16 4.28
N GLY A 81 -4.05 9.56 4.62
CA GLY A 81 -4.09 8.66 5.78
C GLY A 81 -3.84 7.17 5.52
N GLY A 82 -4.02 6.72 4.27
CA GLY A 82 -3.87 5.32 3.99
C GLY A 82 -2.63 4.97 3.20
N MET A 83 -1.89 6.00 2.76
CA MET A 83 -0.78 5.80 1.89
C MET A 83 0.23 4.83 2.43
N ILE A 84 0.83 5.16 3.60
CA ILE A 84 1.83 4.26 4.22
C ILE A 84 1.31 2.80 4.37
N GLU A 85 0.05 2.65 4.76
CA GLU A 85 -0.54 1.28 4.94
C GLU A 85 -0.57 0.53 3.61
N MET A 86 -0.93 1.23 2.56
CA MET A 86 -1.00 0.61 1.27
C MET A 86 0.38 0.25 0.77
N LEU A 87 1.37 1.12 0.98
CA LEU A 87 2.76 0.74 0.65
C LEU A 87 3.15 -0.48 1.41
N THR A 88 2.79 -0.53 2.71
CA THR A 88 3.26 -1.61 3.58
C THR A 88 2.67 -2.89 3.05
N ILE A 89 1.45 -2.79 2.48
CA ILE A 89 0.78 -4.01 1.93
C ILE A 89 1.53 -4.43 0.69
N ARG A 90 1.85 -3.48 -0.18
CA ARG A 90 2.60 -3.83 -1.40
C ARG A 90 3.93 -4.41 -1.04
N GLY A 91 4.54 -3.84 -0.01
CA GLY A 91 5.77 -4.33 0.55
C GLY A 91 5.73 -5.79 0.90
N VAL A 92 4.64 -6.21 1.50
CA VAL A 92 4.44 -7.60 1.89
C VAL A 92 4.35 -8.55 0.69
N THR A 93 3.69 -8.12 -0.37
CA THR A 93 3.46 -8.97 -1.52
C THR A 93 4.64 -9.11 -2.45
N VAL A 94 5.64 -8.26 -2.33
CA VAL A 94 6.82 -8.43 -3.15
C VAL A 94 8.03 -8.80 -2.30
N PHE A 95 7.80 -9.21 -1.07
CA PHE A 95 8.88 -9.48 -0.17
C PHE A 95 9.30 -10.96 -0.16
N ASN A 96 10.61 -11.21 -0.21
CA ASN A 96 11.15 -12.55 -0.20
C ASN A 96 11.76 -12.82 1.15
N ALA A 97 10.99 -13.50 2.00
CA ALA A 97 11.36 -13.80 3.36
C ALA A 97 12.62 -14.68 3.41
N ASP A 98 12.80 -15.55 2.44
CA ASP A 98 14.05 -16.33 2.37
C ASP A 98 15.28 -15.47 2.11
N LYS A 99 15.23 -14.68 1.05
CA LYS A 99 16.41 -13.82 0.72
C LYS A 99 16.52 -12.60 1.59
N GLY A 100 15.43 -12.22 2.27
CA GLY A 100 15.37 -11.01 3.07
C GLY A 100 15.48 -9.76 2.22
N VAL A 101 14.84 -9.76 1.06
CA VAL A 101 14.86 -8.60 0.23
C VAL A 101 13.51 -8.41 -0.46
N TRP A 102 13.26 -7.18 -0.92
CA TRP A 102 12.11 -6.89 -1.71
C TRP A 102 12.47 -7.05 -3.20
N GLN A 103 11.55 -7.62 -3.98
CA GLN A 103 11.75 -7.89 -5.42
C GLN A 103 10.62 -7.31 -6.27
N THR A 104 10.83 -6.16 -6.86
CA THR A 104 9.79 -5.50 -7.59
C THR A 104 9.53 -6.27 -8.85
N PRO A 105 8.26 -6.59 -9.12
CA PRO A 105 7.83 -7.19 -10.40
C PRO A 105 8.14 -6.31 -11.61
N VAL A 106 8.06 -5.01 -11.45
CA VAL A 106 8.30 -4.13 -12.54
C VAL A 106 9.72 -4.25 -13.05
N ASP A 107 10.65 -4.74 -12.23
CA ASP A 107 12.05 -4.77 -12.65
C ASP A 107 12.83 -5.93 -12.07
N GLY A 108 12.77 -7.07 -12.73
CA GLY A 108 13.49 -8.23 -12.22
C GLY A 108 14.99 -7.95 -12.10
N HIS A 109 15.69 -8.83 -11.42
CA HIS A 109 17.14 -8.61 -11.21
C HIS A 109 17.42 -7.43 -10.22
N SER A 110 16.37 -6.96 -9.55
CA SER A 110 16.46 -5.75 -8.75
C SER A 110 15.95 -6.03 -7.38
N GLN A 111 16.73 -5.65 -6.37
CA GLN A 111 16.40 -6.04 -5.01
C GLN A 111 16.71 -4.92 -4.00
N ILE A 112 15.99 -4.96 -2.89
CA ILE A 112 16.16 -3.94 -1.86
C ILE A 112 16.32 -4.68 -0.57
N SER A 113 17.49 -4.54 0.03
CA SER A 113 17.77 -5.26 1.23
C SER A 113 16.85 -4.86 2.40
N PHE A 114 16.34 -5.85 3.09
CA PHE A 114 15.59 -5.61 4.30
C PHE A 114 16.44 -4.81 5.33
N ASN A 115 17.74 -5.02 5.29
CA ASN A 115 18.65 -4.37 6.20
C ASN A 115 18.81 -2.88 5.92
N MET A 116 18.06 -2.39 4.97
CA MET A 116 18.02 -0.97 4.74
C MET A 116 17.42 -0.25 5.97
N PHE A 117 16.75 -1.00 6.84
CA PHE A 117 16.15 -0.46 8.11
C PHE A 117 17.25 0.01 9.09
N ASP A 118 18.41 -0.64 8.98
CA ASP A 118 19.50 -0.35 9.90
C ASP A 118 20.08 1.01 9.71
N LYS A 119 19.64 1.74 8.71
CA LYS A 119 20.02 3.11 8.52
C LYS A 119 18.94 4.11 8.91
N LEU A 120 17.74 3.63 9.29
CA LEU A 120 16.65 4.54 9.65
C LEU A 120 16.69 4.97 11.10
N ARG A 121 15.65 5.64 11.58
CA ARG A 121 15.62 6.10 12.95
C ARG A 121 16.04 4.96 13.87
N PRO A 122 17.15 5.17 14.58
CA PRO A 122 17.89 4.24 15.44
C PRO A 122 17.08 3.60 16.54
N ASP A 123 16.26 4.39 17.23
CA ASP A 123 15.54 3.87 18.39
C ASP A 123 14.25 3.19 18.03
N ILE A 124 13.89 3.23 16.76
CA ILE A 124 12.57 2.66 16.35
C ILE A 124 12.77 1.62 15.23
N LYS A 125 13.91 1.63 14.60
CA LYS A 125 14.11 0.82 13.44
C LYS A 125 13.91 -0.69 13.76
N ASP A 126 14.40 -1.17 14.89
CA ASP A 126 14.18 -2.56 15.28
C ASP A 126 12.70 -2.94 15.53
N THR A 127 11.93 -2.07 16.17
CA THR A 127 10.53 -2.30 16.33
C THR A 127 9.81 -2.42 14.99
N GLN A 128 10.22 -1.63 14.02
CA GLN A 128 9.60 -1.63 12.70
C GLN A 128 9.90 -2.90 11.93
N LYS A 129 11.16 -3.33 11.94
CA LYS A 129 11.50 -4.58 11.26
C LYS A 129 10.63 -5.70 11.75
N LYS A 130 10.52 -5.83 13.05
CA LYS A 130 9.72 -6.85 13.65
C LYS A 130 8.26 -6.68 13.28
N GLY A 131 7.78 -5.45 13.22
CA GLY A 131 6.39 -5.21 12.97
C GLY A 131 6.09 -5.50 11.52
N PHE A 132 7.01 -5.18 10.61
CA PHE A 132 6.80 -5.51 9.20
C PHE A 132 6.69 -7.05 9.04
N LEU A 133 7.59 -7.78 9.67
CA LEU A 133 7.67 -9.22 9.53
C LEU A 133 6.54 -9.90 10.26
N HIS A 134 5.98 -9.25 11.25
CA HIS A 134 4.85 -9.79 11.95
C HIS A 134 3.61 -9.64 11.02
N PHE A 135 3.43 -8.47 10.44
CA PHE A 135 2.28 -8.26 9.58
C PHE A 135 2.31 -9.22 8.37
N PHE A 136 3.52 -9.37 7.82
CA PHE A 136 3.79 -10.28 6.72
C PHE A 136 3.35 -11.68 7.11
N ASN A 137 3.76 -12.13 8.28
CA ASN A 137 3.45 -13.45 8.69
C ASN A 137 2.01 -13.64 9.11
N LEU A 138 1.27 -12.56 9.35
CA LEU A 138 -0.16 -12.68 9.59
C LEU A 138 -0.94 -12.89 8.31
N LEU A 139 -0.41 -12.46 7.18
CA LEU A 139 -1.06 -12.77 5.92
C LEU A 139 -0.53 -14.12 5.39
N HIS A 140 -1.39 -15.11 5.30
CA HIS A 140 -0.93 -16.39 4.77
C HIS A 140 -0.38 -16.31 3.34
N SER A 141 0.40 -17.33 2.99
CA SER A 141 0.93 -17.44 1.61
C SER A 141 -0.14 -17.30 0.49
N ASP A 142 -1.20 -18.10 0.56
CA ASP A 142 -2.20 -18.16 -0.50
C ASP A 142 -2.92 -16.79 -0.73
N VAL A 143 -3.09 -15.99 0.31
CA VAL A 143 -3.69 -14.68 0.14
C VAL A 143 -2.64 -13.61 -0.26
N ARG A 144 -1.47 -13.69 0.34
CA ARG A 144 -0.41 -12.80 -0.02
C ARG A 144 -0.05 -12.95 -1.53
N LYS A 145 -0.13 -14.17 -2.05
CA LYS A 145 0.28 -14.41 -3.42
C LYS A 145 -0.85 -14.17 -4.41
N ASN A 146 -2.03 -13.85 -3.94
CA ASN A 146 -3.14 -13.69 -4.81
C ASN A 146 -3.36 -12.21 -5.09
N ASP A 147 -3.03 -11.78 -6.30
CA ASP A 147 -3.13 -10.39 -6.69
C ASP A 147 -4.48 -9.78 -6.34
N LEU A 148 -5.55 -10.37 -6.78
CA LEU A 148 -6.87 -9.78 -6.59
C LEU A 148 -7.23 -9.69 -5.13
N ALA A 149 -6.87 -10.71 -4.38
CA ALA A 149 -7.10 -10.73 -2.95
C ALA A 149 -6.41 -9.50 -2.26
N ILE A 150 -5.13 -9.24 -2.53
CA ILE A 150 -4.49 -8.06 -1.94
C ILE A 150 -5.03 -6.76 -2.49
N ASP A 151 -5.36 -6.74 -3.76
CA ASP A 151 -5.94 -5.55 -4.29
C ASP A 151 -7.25 -5.17 -3.51
N ILE A 152 -8.10 -6.18 -3.27
CA ILE A 152 -9.37 -5.95 -2.56
C ILE A 152 -9.01 -5.44 -1.14
N ILE A 153 -8.09 -6.10 -0.46
CA ILE A 153 -7.74 -5.60 0.86
C ILE A 153 -7.14 -4.20 0.77
N VAL A 154 -6.38 -3.94 -0.28
CA VAL A 154 -5.81 -2.57 -0.44
C VAL A 154 -6.91 -1.51 -0.45
N LEU A 155 -8.05 -1.86 -1.00
CA LEU A 155 -9.18 -0.98 -1.13
C LEU A 155 -9.95 -0.90 0.16
N MET A 156 -9.92 -1.96 0.91
CA MET A 156 -10.51 -1.97 2.21
C MET A 156 -9.75 -1.02 3.17
N VAL A 157 -8.43 -0.93 3.09
CA VAL A 157 -7.69 -0.03 3.95
C VAL A 157 -7.82 1.39 3.42
N LEU A 158 -7.76 1.57 2.12
CA LEU A 158 -8.06 2.88 1.54
C LEU A 158 -9.38 3.49 2.02
N PHE A 159 -10.45 2.76 1.88
CA PHE A 159 -11.76 3.23 2.23
C PHE A 159 -12.02 3.01 3.71
N ASP A 160 -11.28 3.78 4.49
CA ASP A 160 -11.42 3.82 5.92
C ASP A 160 -12.15 5.11 6.35
N SER A 161 -13.36 4.94 6.82
CA SER A 161 -14.22 6.01 7.24
C SER A 161 -13.82 6.74 8.48
N LYS A 162 -12.86 6.22 9.21
CA LYS A 162 -12.45 6.86 10.46
C LYS A 162 -11.12 7.63 10.34
N ARG A 163 -10.76 8.11 9.16
CA ARG A 163 -9.48 8.84 9.04
C ARG A 163 -9.61 10.33 9.25
N GLU A 164 -8.60 10.95 9.82
CA GLU A 164 -8.56 12.40 10.01
C GLU A 164 -8.82 13.11 8.70
N GLY A 165 -9.66 14.12 8.71
CA GLY A 165 -10.10 14.73 7.47
C GLY A 165 -11.46 14.36 6.93
N LEU A 166 -11.93 13.13 7.14
CA LEU A 166 -13.27 12.72 6.67
C LEU A 166 -14.38 13.25 7.53
N VAL A 167 -14.75 14.51 7.30
CA VAL A 167 -15.73 15.18 8.13
C VAL A 167 -17.12 15.15 7.47
N SER A 168 -17.14 15.11 6.17
CA SER A 168 -18.40 15.08 5.45
C SER A 168 -19.18 13.82 5.75
N GLN A 169 -20.39 14.00 6.26
CA GLN A 169 -21.22 12.88 6.56
C GLN A 169 -21.46 12.02 5.32
N GLN A 170 -21.61 12.69 4.19
CA GLN A 170 -21.80 12.01 2.95
C GLN A 170 -20.55 11.14 2.62
N ASP A 171 -19.34 11.72 2.79
CA ASP A 171 -18.08 10.97 2.61
C ASP A 171 -17.99 9.78 3.54
N LYS A 172 -18.30 10.00 4.80
CA LYS A 172 -18.29 8.93 5.79
C LYS A 172 -19.25 7.82 5.40
N GLU A 173 -20.48 8.18 5.09
CA GLU A 173 -21.45 7.15 4.72
C GLU A 173 -21.06 6.37 3.49
N THR A 174 -20.64 7.08 2.44
CA THR A 174 -20.28 6.40 1.22
C THR A 174 -19.01 5.59 1.44
N VAL A 175 -18.06 6.13 2.20
CA VAL A 175 -16.84 5.33 2.47
C VAL A 175 -17.18 4.06 3.26
N GLU A 176 -18.09 4.15 4.21
CA GLU A 176 -18.43 2.96 4.97
C GLU A 176 -19.10 1.94 4.08
N LYS A 177 -19.94 2.42 3.19
CA LYS A 177 -20.67 1.54 2.30
C LYS A 177 -19.71 0.80 1.36
N LEU A 178 -18.72 1.52 0.82
CA LEU A 178 -17.74 0.93 -0.06
C LEU A 178 -16.89 -0.10 0.70
N HIS A 179 -16.54 0.25 1.94
CA HIS A 179 -15.75 -0.61 2.74
C HIS A 179 -16.46 -1.91 2.97
N ARG A 180 -17.72 -1.80 3.32
CA ARG A 180 -18.57 -2.99 3.55
C ARG A 180 -18.72 -3.86 2.27
N ASN A 181 -19.01 -3.22 1.14
CA ASN A 181 -19.11 -3.92 -0.13
C ASN A 181 -17.80 -4.61 -0.55
N TYR A 182 -16.66 -3.93 -0.35
CA TYR A 182 -15.42 -4.49 -0.76
C TYR A 182 -15.09 -5.69 0.08
N GLU A 183 -15.34 -5.56 1.36
CA GLU A 183 -15.19 -6.65 2.28
C GLU A 183 -16.08 -7.87 1.97
N SER A 184 -17.32 -7.64 1.58
CA SER A 184 -18.16 -8.75 1.18
C SER A 184 -17.64 -9.38 -0.06
N LEU A 185 -17.05 -8.58 -0.95
CA LEU A 185 -16.41 -9.12 -2.17
C LEU A 185 -15.31 -10.06 -1.84
N LEU A 186 -14.44 -9.66 -0.93
CA LEU A 186 -13.33 -10.52 -0.53
C LEU A 186 -13.83 -11.83 0.08
N HIS A 187 -14.91 -11.74 0.87
CA HIS A 187 -15.51 -12.92 1.48
C HIS A 187 -15.88 -13.90 0.41
N ARG A 188 -16.68 -13.48 -0.57
CA ARG A 188 -17.11 -14.34 -1.63
C ARG A 188 -15.96 -14.79 -2.48
N TYR A 189 -14.99 -13.88 -2.68
CA TYR A 189 -13.86 -14.20 -3.52
C TYR A 189 -13.01 -15.32 -2.92
N LEU A 190 -12.78 -15.27 -1.62
CA LEU A 190 -11.96 -16.25 -0.94
C LEU A 190 -12.64 -17.63 -0.99
N TYR A 191 -13.97 -17.65 -1.04
CA TYR A 191 -14.67 -18.90 -1.12
C TYR A 191 -14.66 -19.45 -2.54
N SER A 192 -14.48 -18.59 -3.54
CA SER A 192 -14.41 -19.04 -4.90
C SER A 192 -13.06 -19.62 -5.33
N ILE A 193 -11.99 -19.21 -4.66
CA ILE A 193 -10.63 -19.64 -5.00
C ILE A 193 -10.09 -20.70 -4.06
N HIS A 194 -10.57 -20.73 -2.83
CA HIS A 194 -10.27 -21.82 -1.94
C HIS A 194 -11.31 -22.01 -0.86
N LYS A 195 -12.43 -22.67 -1.17
CA LYS A 195 -13.52 -22.82 -0.18
C LYS A 195 -13.09 -23.58 1.06
N GLU A 196 -12.01 -24.34 0.92
CA GLU A 196 -11.47 -25.14 2.00
C GLU A 196 -11.29 -24.29 3.22
N GLU A 197 -10.32 -23.39 3.25
CA GLU A 197 -10.14 -22.56 4.47
C GLU A 197 -10.60 -21.09 4.35
N ALA A 198 -11.62 -20.84 3.58
CA ALA A 198 -12.03 -19.52 3.35
C ALA A 198 -12.50 -18.80 4.59
N GLU A 199 -13.30 -19.46 5.43
CA GLU A 199 -13.83 -18.75 6.57
C GLU A 199 -12.70 -18.38 7.53
N GLN A 200 -11.73 -19.24 7.62
CA GLN A 200 -10.67 -19.04 8.54
C GLN A 200 -9.80 -17.94 8.01
N ARG A 201 -9.55 -17.97 6.73
CA ARG A 201 -8.70 -16.97 6.08
C ARG A 201 -9.31 -15.58 6.19
N PHE A 202 -10.55 -15.47 5.75
CA PHE A 202 -11.28 -14.23 5.88
C PHE A 202 -11.32 -13.72 7.29
N ALA A 203 -11.49 -14.63 8.25
CA ALA A 203 -11.57 -14.19 9.65
C ALA A 203 -10.21 -13.72 10.17
N SER A 204 -9.13 -14.08 9.49
CA SER A 204 -7.82 -13.69 9.97
C SER A 204 -7.45 -12.32 9.44
N ILE A 205 -8.03 -11.83 8.35
CA ILE A 205 -7.50 -10.62 7.74
C ILE A 205 -7.74 -9.37 8.64
N PRO A 206 -8.88 -9.32 9.34
CA PRO A 206 -9.14 -8.20 10.23
C PRO A 206 -8.05 -8.03 11.30
N LYS A 207 -7.59 -9.15 11.83
CA LYS A 207 -6.50 -9.14 12.76
C LYS A 207 -5.23 -8.55 12.13
N ALA A 208 -4.76 -9.18 11.06
CA ALA A 208 -3.64 -8.70 10.28
C ALA A 208 -3.76 -7.16 9.98
N LEU A 209 -4.97 -6.67 9.75
CA LEU A 209 -5.20 -5.26 9.43
C LEU A 209 -5.00 -4.36 10.66
N VAL A 210 -5.25 -4.88 11.82
CA VAL A 210 -4.97 -4.13 13.05
C VAL A 210 -3.45 -3.98 13.24
N ALA A 211 -2.71 -5.03 12.95
CA ALA A 211 -1.28 -4.93 13.00
C ALA A 211 -0.74 -3.96 11.91
N LEU A 212 -1.32 -4.01 10.70
CA LEU A 212 -0.87 -3.16 9.64
C LEU A 212 -0.95 -1.74 10.11
N ARG A 213 -2.08 -1.39 10.69
CA ARG A 213 -2.33 -0.05 11.15
C ARG A 213 -1.27 0.39 12.19
N LYS A 214 -0.87 -0.54 13.04
CA LYS A 214 0.07 -0.25 14.04
C LYS A 214 1.48 -0.03 13.45
N VAL A 215 1.97 -0.96 12.62
CA VAL A 215 3.27 -0.81 11.99
C VAL A 215 3.36 0.44 11.17
N ALA A 216 2.35 0.67 10.32
CA ALA A 216 2.34 1.83 9.44
C ALA A 216 2.31 3.16 10.18
N GLU A 217 1.60 3.20 11.30
CA GLU A 217 1.49 4.39 12.11
C GLU A 217 2.85 4.87 12.64
N ASN A 218 3.60 4.04 13.34
CA ASN A 218 4.84 4.55 13.92
C ASN A 218 5.99 4.39 12.92
N ALA A 219 5.69 4.40 11.62
CA ALA A 219 6.71 4.38 10.59
C ALA A 219 6.96 5.77 10.07
N VAL A 220 6.08 6.73 10.44
CA VAL A 220 6.17 8.13 9.86
C VAL A 220 7.46 8.89 10.18
N THR A 221 8.12 8.58 11.30
CA THR A 221 9.37 9.24 11.68
C THR A 221 10.64 8.42 11.39
N LEU A 222 10.51 7.34 10.63
CA LEU A 222 11.67 6.43 10.37
C LEU A 222 12.82 7.15 9.71
N PHE A 223 12.58 8.31 9.15
CA PHE A 223 13.64 9.02 8.42
C PHE A 223 14.28 10.08 9.27
N LEU A 224 13.86 10.18 10.51
CA LEU A 224 14.51 11.11 11.45
C LEU A 224 15.76 10.43 11.99
N GLY A 225 16.89 11.15 11.94
CA GLY A 225 18.16 10.62 12.38
C GLY A 225 18.84 9.74 11.38
N ALA A 226 18.30 9.72 10.15
CA ALA A 226 18.84 9.03 9.02
C ALA A 226 19.80 9.88 8.17
N GLY A 227 19.89 11.15 8.47
CA GLY A 227 20.79 12.00 7.74
C GLY A 227 20.12 12.72 6.57
N ASN A 228 20.93 13.45 5.84
CA ASN A 228 20.47 14.32 4.81
C ASN A 228 19.64 13.55 3.76
N THR A 229 18.43 14.02 3.52
CA THR A 229 17.54 13.46 2.50
C THR A 229 16.98 14.54 1.58
N THR A 230 17.65 15.68 1.51
CA THR A 230 17.21 16.85 0.77
C THR A 230 17.22 16.60 -0.73
N GLU A 231 18.06 15.71 -1.20
CA GLU A 231 18.02 15.33 -2.60
C GLU A 231 16.94 14.26 -2.95
N ALA A 232 16.12 13.83 -1.97
CA ALA A 232 15.12 12.76 -2.24
C ALA A 232 13.80 13.35 -2.80
N ALA A 233 13.01 12.51 -3.46
CA ALA A 233 11.75 12.92 -4.06
C ALA A 233 10.93 13.62 -3.02
N SER A 234 10.18 14.63 -3.42
CA SER A 234 9.38 15.44 -2.45
C SER A 234 8.07 14.78 -1.98
N LEU A 235 7.38 14.07 -2.86
CA LEU A 235 6.12 13.37 -2.50
C LEU A 235 6.27 12.54 -1.22
N PRO A 236 7.16 11.55 -1.20
CA PRO A 236 7.37 10.72 -0.04
C PRO A 236 7.63 11.55 1.25
N LYS A 237 8.23 12.71 1.10
CA LYS A 237 8.55 13.53 2.25
C LYS A 237 7.32 14.25 2.76
N GLU A 238 6.18 14.07 2.12
CA GLU A 238 4.91 14.58 2.66
C GLU A 238 4.22 13.62 3.60
N PHE A 239 4.62 12.35 3.56
CA PHE A 239 4.11 11.35 4.47
C PHE A 239 5.13 10.99 5.52
N PHE A 240 6.40 11.28 5.27
CA PHE A 240 7.45 10.91 6.23
C PHE A 240 8.10 12.13 6.77
N ALA A 241 8.15 12.24 8.10
CA ALA A 241 8.80 13.38 8.74
C ALA A 241 10.34 13.43 8.48
N THR A 242 10.83 14.59 8.15
CA THR A 242 12.26 14.76 7.95
C THR A 242 12.72 16.06 8.60
N ASN A 243 14.01 16.19 8.88
CA ASN A 243 14.57 17.42 9.43
C ASN A 243 15.19 18.24 8.32
N TYR A 244 14.99 17.84 7.07
CA TYR A 244 15.56 18.55 5.98
C TYR A 244 14.42 19.07 5.11
N LYS B 4 -0.56 23.94 -3.23
CA LYS B 4 0.09 23.84 -1.91
C LYS B 4 -0.02 22.36 -1.39
N SER B 5 0.65 21.46 -2.07
CA SER B 5 0.79 20.10 -1.60
C SER B 5 0.89 19.25 -2.86
N LEU B 6 2.01 18.56 -3.06
CA LEU B 6 2.13 17.66 -4.16
C LEU B 6 0.96 16.68 -4.18
N LEU B 7 0.58 16.11 -3.04
CA LEU B 7 -0.47 15.09 -3.02
C LEU B 7 -1.73 15.65 -3.60
N GLN B 8 -2.07 16.86 -3.19
CA GLN B 8 -3.24 17.56 -3.66
C GLN B 8 -3.13 17.89 -5.14
N GLN B 9 -1.95 18.31 -5.57
CA GLN B 9 -1.77 18.64 -6.96
C GLN B 9 -1.95 17.43 -7.87
N LEU B 10 -1.48 16.26 -7.42
CA LEU B 10 -1.60 15.02 -8.20
C LEU B 10 -3.05 14.65 -8.29
N LEU B 11 -3.77 14.83 -7.19
CA LEU B 11 -5.20 14.54 -7.15
C LEU B 11 -5.98 15.44 -8.10
N THR B 12 -5.69 16.74 -8.08
CA THR B 12 -6.43 17.73 -8.84
C THR B 12 -6.08 17.62 -10.32
N GLU B 13 -4.82 17.35 -10.63
CA GLU B 13 -4.42 17.29 -12.01
C GLU B 13 -5.04 16.08 -12.70
O3 DL4 C . 7.88 -2.09 -7.59
C27 DL4 C . 7.56 -1.36 -6.64
O2 DL4 C . 6.41 -1.29 -6.15
C25 DL4 C . 8.58 -0.46 -6.01
C26 DL4 C . 9.01 0.51 -7.05
C24 DL4 C . 9.73 -1.23 -5.38
C23 DL4 C . 9.26 -2.27 -4.36
C22 DL4 C . 9.82 -2.03 -2.96
C20 DL4 C . 8.81 -1.39 -1.98
C21 DL4 C . 7.66 -2.39 -1.87
C17 DL4 C . 9.45 -1.14 -0.60
C16 DL4 C . 10.68 -0.22 -0.69
C15 DL4 C . 10.82 0.60 0.61
C14 DL4 C . 9.79 -0.10 1.48
C8 DL4 C . 9.16 0.54 2.72
C7 DL4 C . 10.24 1.06 3.68
C6 DL4 C . 9.73 1.86 4.90
C13 DL4 C . 8.66 -0.54 0.55
C18 DL4 C . 7.90 0.72 0.10
C12 DL4 C . 7.77 -1.48 1.33
C11 DL4 C . 7.14 -0.80 2.57
C9 DL4 C . 8.14 -0.19 3.56
C10 DL4 C . 7.54 0.50 4.80
C1 DL4 C . 6.85 -0.60 5.56
C19 DL4 C . 6.58 1.61 4.39
C5 DL4 C . 8.66 1.09 5.63
C4 DL4 C . 8.76 0.97 6.95
C3 DL4 C . 7.74 0.30 7.73
O1 DL4 C . 7.79 0.26 8.94
C2 DL4 C . 6.57 -0.30 7.03
#